data_1C9A
#
_entry.id   1C9A
#
_cell.length_a   1.000
_cell.length_b   1.000
_cell.length_c   1.000
_cell.angle_alpha   90.00
_cell.angle_beta   90.00
_cell.angle_gamma   90.00
#
_symmetry.space_group_name_H-M   'P 1'
#
_entity_poly.entity_id   1
_entity_poly.type   'polypeptide(L)'
_entity_poly.pdbx_seq_one_letter_code
;GNLWATGHFM(NH2)
;
_entity_poly.pdbx_strand_id   A
#
loop_
_chem_comp.id
_chem_comp.type
_chem_comp.name
_chem_comp.formula
NH2 non-polymer 'AMINO GROUP' 'H2 N'
#
# COMPACT_ATOMS: atom_id res chain seq x y z
N GLY A 1 5.30 -5.47 -7.25
CA GLY A 1 5.63 -4.44 -6.22
C GLY A 1 4.35 -3.80 -5.70
N ASN A 2 4.16 -3.78 -4.42
CA ASN A 2 2.92 -3.17 -3.85
C ASN A 2 3.26 -1.88 -3.11
N LEU A 3 2.85 -0.77 -3.65
CA LEU A 3 3.13 0.54 -2.99
C LEU A 3 1.82 1.08 -2.45
N TRP A 4 0.73 0.66 -3.03
CA TRP A 4 -0.60 1.12 -2.56
C TRP A 4 -1.19 0.05 -1.66
N ALA A 5 -0.59 -1.10 -1.63
CA ALA A 5 -1.11 -2.16 -0.78
C ALA A 5 -0.68 -1.85 0.66
N THR A 6 0.12 -0.81 0.81
CA THR A 6 0.62 -0.43 2.17
C THR A 6 0.20 1.00 2.50
N GLY A 7 0.22 1.86 1.52
CA GLY A 7 -0.17 3.29 1.75
C GLY A 7 -1.55 3.32 2.41
N HIS A 8 -2.29 2.26 2.32
CA HIS A 8 -3.65 2.24 2.95
C HIS A 8 -3.51 2.36 4.47
N PHE A 9 -2.68 1.56 5.05
CA PHE A 9 -2.49 1.59 6.51
C PHE A 9 -1.38 2.57 6.86
N MET A 10 -0.66 3.01 5.87
CA MET A 10 0.43 3.96 6.16
C MET A 10 -0.06 5.33 5.79
N NH2 A 11 -1.34 5.51 5.72
HN1 NH2 A 11 -1.94 4.77 5.91
HN2 NH2 A 11 -1.69 6.36 5.48
N GLY A 1 4.02 -4.04 -9.49
CA GLY A 1 2.99 -4.87 -8.82
C GLY A 1 2.09 -3.98 -7.96
N ASN A 2 1.72 -4.43 -6.80
CA ASN A 2 0.84 -3.61 -5.91
C ASN A 2 1.66 -3.01 -4.77
N LEU A 3 1.96 -1.75 -4.85
CA LEU A 3 2.72 -1.10 -3.76
C LEU A 3 1.73 -0.33 -2.88
N TRP A 4 0.60 -0.01 -3.42
CA TRP A 4 -0.43 0.73 -2.64
C TRP A 4 -1.09 -0.22 -1.66
N ALA A 5 -0.62 -1.43 -1.57
CA ALA A 5 -1.22 -2.37 -0.63
C ALA A 5 -0.81 -1.97 0.80
N THR A 6 -0.03 -0.93 0.91
CA THR A 6 0.45 -0.47 2.25
C THR A 6 -0.04 0.96 2.50
N GLY A 7 -0.08 1.76 1.47
CA GLY A 7 -0.54 3.17 1.62
C GLY A 7 -1.88 3.20 2.35
N HIS A 8 -2.57 2.10 2.37
CA HIS A 8 -3.89 2.06 3.07
C HIS A 8 -3.69 2.29 4.57
N PHE A 9 -2.77 1.56 5.14
CA PHE A 9 -2.50 1.71 6.59
C PHE A 9 -1.51 2.85 6.79
N MET A 10 -0.97 3.35 5.74
CA MET A 10 -0.01 4.47 5.88
C MET A 10 -0.73 5.73 5.49
N NH2 A 11 -2.02 5.72 5.53
HN1 NH2 A 11 -2.50 4.91 5.81
HN2 NH2 A 11 -2.51 6.50 5.29
N GLY A 1 4.33 -4.95 -8.06
CA GLY A 1 3.35 -4.18 -8.87
C GLY A 1 2.44 -3.37 -7.96
N ASN A 2 1.91 -3.99 -6.94
CA ASN A 2 1.01 -3.26 -6.01
C ASN A 2 1.80 -2.68 -4.84
N LEU A 3 2.03 -1.40 -4.85
CA LEU A 3 2.78 -0.76 -3.73
C LEU A 3 1.77 -0.10 -2.81
N TRP A 4 0.59 0.17 -3.32
CA TRP A 4 -0.45 0.81 -2.49
C TRP A 4 -1.05 -0.20 -1.54
N ALA A 5 -0.52 -1.41 -1.54
CA ALA A 5 -1.05 -2.43 -0.64
C ALA A 5 -0.69 -2.04 0.80
N THR A 6 0.10 -1.00 0.94
CA THR A 6 0.54 -0.53 2.28
C THR A 6 0.05 0.90 2.51
N GLY A 7 0.08 1.70 1.48
CA GLY A 7 -0.37 3.11 1.60
C GLY A 7 -1.75 3.15 2.24
N HIS A 8 -2.45 2.05 2.23
CA HIS A 8 -3.81 2.02 2.85
C HIS A 8 -3.70 2.28 4.35
N PHE A 9 -2.81 1.59 5.00
CA PHE A 9 -2.62 1.76 6.45
C PHE A 9 -1.75 2.99 6.71
N MET A 10 -1.22 3.56 5.68
CA MET A 10 -0.38 4.75 5.87
C MET A 10 -1.19 5.94 5.47
N NH2 A 11 -2.47 5.82 5.46
HN1 NH2 A 11 -2.89 4.97 5.70
HN2 NH2 A 11 -3.02 6.56 5.20
N GLY A 1 5.35 -5.62 -5.84
CA GLY A 1 4.01 -6.07 -6.31
C GLY A 1 2.96 -5.00 -5.98
N ASN A 2 2.55 -4.92 -4.74
CA ASN A 2 1.54 -3.90 -4.36
C ASN A 2 2.18 -2.82 -3.50
N LEU A 3 2.20 -1.61 -3.98
CA LEU A 3 2.79 -0.50 -3.20
C LEU A 3 1.67 0.22 -2.49
N TRP A 4 0.53 0.26 -3.11
CA TRP A 4 -0.63 0.91 -2.48
C TRP A 4 -1.26 -0.06 -1.49
N ALA A 5 -0.69 -1.23 -1.40
CA ALA A 5 -1.23 -2.22 -0.46
C ALA A 5 -0.72 -1.87 0.94
N THR A 6 0.07 -0.83 1.03
CA THR A 6 0.63 -0.41 2.34
C THR A 6 0.23 1.04 2.64
N GLY A 7 0.36 1.89 1.67
CA GLY A 7 0.00 3.33 1.88
C GLY A 7 -1.41 3.42 2.46
N HIS A 8 -2.18 2.37 2.33
CA HIS A 8 -3.57 2.40 2.89
C HIS A 8 -3.53 2.47 4.41
N PHE A 9 -2.75 1.65 5.02
CA PHE A 9 -2.64 1.65 6.49
C PHE A 9 -1.80 2.83 6.95
N MET A 10 -1.14 3.47 6.02
CA MET A 10 -0.32 4.62 6.40
C MET A 10 -1.07 5.87 6.02
N NH2 A 11 -2.36 5.76 5.88
HN1 NH2 A 11 -2.79 4.90 6.01
HN2 NH2 A 11 -2.86 6.52 5.62
N GLY A 1 3.99 -3.40 -9.85
CA GLY A 1 3.76 -4.14 -8.58
C GLY A 1 2.83 -3.33 -7.67
N ASN A 2 2.05 -3.99 -6.87
CA ASN A 2 1.12 -3.26 -5.97
C ASN A 2 1.88 -2.64 -4.80
N LEU A 3 2.10 -1.36 -4.83
CA LEU A 3 2.82 -0.70 -3.71
C LEU A 3 1.77 -0.04 -2.80
N TRP A 4 0.61 0.21 -3.34
CA TRP A 4 -0.45 0.84 -2.52
C TRP A 4 -1.05 -0.19 -1.58
N ALA A 5 -0.53 -1.38 -1.58
CA ALA A 5 -1.06 -2.41 -0.69
C ALA A 5 -0.68 -2.03 0.75
N THR A 6 0.11 -0.99 0.90
CA THR A 6 0.54 -0.54 2.25
C THR A 6 0.06 0.89 2.49
N GLY A 7 0.08 1.70 1.46
CA GLY A 7 -0.38 3.11 1.59
C GLY A 7 -1.75 3.15 2.25
N HIS A 8 -2.46 2.05 2.24
CA HIS A 8 -3.80 2.02 2.88
C HIS A 8 -3.68 2.26 4.38
N PHE A 9 -2.80 1.55 5.01
CA PHE A 9 -2.59 1.72 6.47
C PHE A 9 -1.66 2.88 6.73
N MET A 10 -1.04 3.38 5.71
CA MET A 10 -0.14 4.52 5.90
C MET A 10 -0.85 5.76 5.45
N NH2 A 11 -2.14 5.71 5.39
HN1 NH2 A 11 -2.61 4.89 5.65
HN2 NH2 A 11 -2.62 6.48 5.10
N GLY A 1 4.95 -5.50 -7.79
CA GLY A 1 4.55 -5.64 -6.37
C GLY A 1 3.45 -4.63 -6.05
N ASN A 2 2.95 -4.64 -4.85
CA ASN A 2 1.87 -3.68 -4.48
C ASN A 2 2.43 -2.61 -3.54
N LEU A 3 2.42 -1.38 -3.99
CA LEU A 3 2.93 -0.26 -3.14
C LEU A 3 1.74 0.40 -2.48
N TRP A 4 0.63 0.41 -3.16
CA TRP A 4 -0.59 1.01 -2.58
C TRP A 4 -1.21 0.00 -1.62
N ALA A 5 -0.62 -1.15 -1.54
CA ALA A 5 -1.15 -2.17 -0.64
C ALA A 5 -0.68 -1.84 0.78
N THR A 6 0.09 -0.79 0.90
CA THR A 6 0.64 -0.39 2.22
C THR A 6 0.21 1.05 2.54
N GLY A 7 0.24 1.90 1.55
CA GLY A 7 -0.16 3.32 1.78
C GLY A 7 -1.54 3.38 2.44
N HIS A 8 -2.28 2.30 2.37
CA HIS A 8 -3.64 2.30 2.98
C HIS A 8 -3.52 2.40 4.51
N PHE A 9 -2.69 1.58 5.08
CA PHE A 9 -2.50 1.60 6.55
C PHE A 9 -1.45 2.62 6.92
N MET A 10 -0.74 3.11 5.96
CA MET A 10 0.29 4.10 6.25
C MET A 10 -0.24 5.45 5.88
N NH2 A 11 -1.53 5.57 5.78
HN1 NH2 A 11 -2.10 4.80 5.96
HN2 NH2 A 11 -1.90 6.41 5.54
N GLY A 1 2.89 -5.37 -9.23
CA GLY A 1 3.74 -4.50 -8.36
C GLY A 1 2.84 -3.62 -7.49
N ASN A 2 1.94 -4.21 -6.76
CA ASN A 2 1.03 -3.41 -5.89
C ASN A 2 1.83 -2.75 -4.76
N LEU A 3 2.04 -1.47 -4.85
CA LEU A 3 2.79 -0.78 -3.76
C LEU A 3 1.77 -0.10 -2.85
N TRP A 4 0.60 0.17 -3.38
CA TRP A 4 -0.45 0.82 -2.55
C TRP A 4 -1.05 -0.19 -1.60
N ALA A 5 -0.53 -1.39 -1.59
CA ALA A 5 -1.07 -2.40 -0.67
C ALA A 5 -0.68 -2.01 0.76
N THR A 6 0.09 -0.96 0.89
CA THR A 6 0.53 -0.49 2.23
C THR A 6 0.04 0.93 2.47
N GLY A 7 0.03 1.73 1.44
CA GLY A 7 -0.44 3.13 1.58
C GLY A 7 -1.79 3.15 2.28
N HIS A 8 -2.49 2.05 2.27
CA HIS A 8 -3.82 2.02 2.94
C HIS A 8 -3.66 2.24 4.44
N PHE A 9 -2.77 1.53 5.03
CA PHE A 9 -2.53 1.67 6.50
C PHE A 9 -1.51 2.77 6.73
N MET A 10 -0.86 3.21 5.69
CA MET A 10 0.14 4.27 5.87
C MET A 10 -0.49 5.56 5.42
N NH2 A 11 -1.77 5.61 5.38
HN1 NH2 A 11 -2.31 4.83 5.66
HN2 NH2 A 11 -2.21 6.41 5.10
N GLY A 1 5.54 -5.96 -4.96
CA GLY A 1 4.23 -6.46 -5.47
C GLY A 1 3.16 -5.39 -5.27
N ASN A 2 2.67 -5.24 -4.07
CA ASN A 2 1.62 -4.21 -3.80
C ASN A 2 2.23 -3.00 -3.10
N LEU A 3 2.25 -1.88 -3.76
CA LEU A 3 2.83 -0.65 -3.15
C LEU A 3 1.68 0.18 -2.60
N TRP A 4 0.57 0.12 -3.27
CA TRP A 4 -0.61 0.87 -2.79
C TRP A 4 -1.35 0.03 -1.77
N ALA A 5 -0.85 -1.15 -1.52
CA ALA A 5 -1.50 -2.02 -0.54
C ALA A 5 -0.94 -1.67 0.85
N THR A 6 -0.12 -0.63 0.89
CA THR A 6 0.50 -0.22 2.18
C THR A 6 0.10 1.22 2.54
N GLY A 7 -0.01 2.05 1.55
CA GLY A 7 -0.39 3.47 1.81
C GLY A 7 -1.69 3.53 2.61
N HIS A 8 -2.42 2.45 2.63
CA HIS A 8 -3.71 2.43 3.40
C HIS A 8 -3.44 2.46 4.90
N PHE A 9 -2.60 1.60 5.36
CA PHE A 9 -2.27 1.54 6.80
C PHE A 9 -1.09 2.44 7.11
N MET A 10 -0.45 2.94 6.10
CA MET A 10 0.69 3.84 6.34
C MET A 10 0.23 5.24 6.07
N NH2 A 11 -1.04 5.47 6.13
HN1 NH2 A 11 -1.66 4.74 6.35
HN2 NH2 A 11 -1.37 6.34 5.95
N GLY A 1 1.74 -6.93 -8.55
CA GLY A 1 2.58 -5.74 -8.20
C GLY A 1 1.75 -4.75 -7.39
N ASN A 2 1.36 -5.11 -6.20
CA ASN A 2 0.54 -4.18 -5.37
C ASN A 2 1.44 -3.46 -4.36
N LEU A 3 1.75 -2.22 -4.60
CA LEU A 3 2.60 -1.45 -3.64
C LEU A 3 1.69 -0.57 -2.79
N TRP A 4 0.52 -0.26 -3.30
CA TRP A 4 -0.43 0.58 -2.52
C TRP A 4 -1.10 -0.26 -1.44
N ALA A 5 -0.67 -1.48 -1.29
CA ALA A 5 -1.28 -2.33 -0.26
C ALA A 5 -0.77 -1.88 1.12
N THR A 6 0.02 -0.83 1.15
CA THR A 6 0.57 -0.33 2.44
C THR A 6 0.14 1.12 2.66
N GLY A 7 0.28 1.93 1.64
CA GLY A 7 -0.10 3.36 1.76
C GLY A 7 -1.50 3.48 2.35
N HIS A 8 -2.28 2.42 2.28
CA HIS A 8 -3.65 2.47 2.84
C HIS A 8 -3.61 2.47 4.37
N PHE A 9 -2.87 1.57 4.93
CA PHE A 9 -2.76 1.50 6.41
C PHE A 9 -2.04 2.72 6.93
N MET A 10 -1.33 3.39 6.06
CA MET A 10 -0.62 4.58 6.51
C MET A 10 -1.42 5.78 6.09
N NH2 A 11 -2.67 5.58 5.85
HN1 NH2 A 11 -3.06 4.68 5.96
HN2 NH2 A 11 -3.23 6.30 5.57
N GLY A 1 3.64 -4.80 -9.17
CA GLY A 1 2.91 -5.53 -8.10
C GLY A 1 2.08 -4.54 -7.29
N ASN A 2 1.42 -5.01 -6.26
CA ASN A 2 0.59 -4.08 -5.43
C ASN A 2 1.46 -3.38 -4.39
N LEU A 3 1.77 -2.13 -4.62
CA LEU A 3 2.58 -1.38 -3.64
C LEU A 3 1.64 -0.50 -2.81
N TRP A 4 0.48 -0.23 -3.34
CA TRP A 4 -0.50 0.61 -2.59
C TRP A 4 -1.16 -0.22 -1.50
N ALA A 5 -0.70 -1.42 -1.31
CA ALA A 5 -1.30 -2.26 -0.25
C ALA A 5 -0.82 -1.75 1.11
N THR A 6 -0.03 -0.69 1.11
CA THR A 6 0.51 -0.14 2.39
C THR A 6 0.05 1.31 2.57
N GLY A 7 0.08 2.07 1.51
CA GLY A 7 -0.34 3.49 1.60
C GLY A 7 -1.65 3.59 2.37
N HIS A 8 -2.40 2.53 2.42
CA HIS A 8 -3.69 2.54 3.16
C HIS A 8 -3.44 2.50 4.67
N PHE A 9 -2.63 1.59 5.10
CA PHE A 9 -2.31 1.47 6.54
C PHE A 9 -1.16 2.38 6.89
N MET A 10 -0.51 2.92 5.90
CA MET A 10 0.61 3.83 6.18
C MET A 10 0.12 5.24 5.99
N NH2 A 11 -1.15 5.45 6.07
HN1 NH2 A 11 -1.76 4.69 6.24
HN2 NH2 A 11 -1.50 6.32 5.94
N GLY A 1 2.97 -6.01 -8.50
CA GLY A 1 3.09 -4.56 -8.85
C GLY A 1 2.17 -3.74 -7.97
N ASN A 2 1.92 -4.18 -6.76
CA ASN A 2 1.03 -3.40 -5.86
C ASN A 2 1.83 -2.74 -4.74
N LEU A 3 2.03 -1.45 -4.82
CA LEU A 3 2.79 -0.75 -3.76
C LEU A 3 1.77 -0.10 -2.82
N TRP A 4 0.60 0.19 -3.31
CA TRP A 4 -0.44 0.81 -2.45
C TRP A 4 -1.00 -0.23 -1.50
N ALA A 5 -0.48 -1.41 -1.52
CA ALA A 5 -0.98 -2.44 -0.61
C ALA A 5 -0.61 -2.05 0.82
N THR A 6 0.16 -0.99 0.95
CA THR A 6 0.60 -0.53 2.31
C THR A 6 0.11 0.90 2.53
N GLY A 7 0.20 1.71 1.51
CA GLY A 7 -0.24 3.13 1.62
C GLY A 7 -1.64 3.18 2.23
N HIS A 8 -2.36 2.10 2.18
CA HIS A 8 -3.73 2.09 2.76
C HIS A 8 -3.67 2.32 4.27
N PHE A 9 -2.82 1.60 4.93
CA PHE A 9 -2.67 1.74 6.40
C PHE A 9 -1.83 2.97 6.71
N MET A 10 -1.26 3.56 5.71
CA MET A 10 -0.45 4.76 5.96
C MET A 10 -1.25 5.96 5.56
N NH2 A 11 -2.54 5.81 5.49
HN1 NH2 A 11 -2.94 4.95 5.71
HN2 NH2 A 11 -3.09 6.55 5.24
N GLY A 1 2.65 -6.06 -9.00
CA GLY A 1 3.10 -4.63 -8.94
C GLY A 1 2.15 -3.84 -8.03
N ASN A 2 1.86 -4.36 -6.87
CA ASN A 2 0.94 -3.63 -5.94
C ASN A 2 1.73 -3.02 -4.78
N LEU A 3 2.00 -1.75 -4.84
CA LEU A 3 2.73 -1.10 -3.74
C LEU A 3 1.73 -0.31 -2.90
N TRP A 4 0.58 -0.02 -3.46
CA TRP A 4 -0.45 0.73 -2.69
C TRP A 4 -1.14 -0.20 -1.70
N ALA A 5 -0.66 -1.41 -1.60
CA ALA A 5 -1.28 -2.35 -0.65
C ALA A 5 -0.85 -1.95 0.77
N THR A 6 -0.07 -0.90 0.88
CA THR A 6 0.41 -0.45 2.21
C THR A 6 -0.08 0.98 2.48
N GLY A 7 -0.14 1.78 1.46
CA GLY A 7 -0.61 3.19 1.62
C GLY A 7 -1.92 3.21 2.39
N HIS A 8 -2.61 2.10 2.42
CA HIS A 8 -3.91 2.06 3.16
C HIS A 8 -3.67 2.28 4.65
N PHE A 9 -2.74 1.55 5.21
CA PHE A 9 -2.42 1.69 6.65
C PHE A 9 -1.38 2.77 6.84
N MET A 10 -0.81 3.24 5.78
CA MET A 10 0.20 4.30 5.92
C MET A 10 -0.44 5.60 5.54
N NH2 A 11 -1.73 5.67 5.59
HN1 NH2 A 11 -2.24 4.89 5.88
HN2 NH2 A 11 -2.17 6.47 5.35
N GLY A 1 6.69 -3.79 -6.23
CA GLY A 1 5.61 -4.74 -5.82
C GLY A 1 4.41 -3.93 -5.31
N ASN A 2 3.66 -4.48 -4.38
CA ASN A 2 2.47 -3.74 -3.86
C ASN A 2 2.93 -2.54 -3.03
N LEU A 3 2.77 -1.36 -3.54
CA LEU A 3 3.17 -0.15 -2.77
C LEU A 3 1.89 0.54 -2.30
N TRP A 4 0.81 0.31 -2.98
CA TRP A 4 -0.47 0.92 -2.59
C TRP A 4 -1.19 -0.02 -1.63
N ALA A 5 -0.67 -1.21 -1.49
CA ALA A 5 -1.29 -2.17 -0.58
C ALA A 5 -0.81 -1.84 0.84
N THR A 6 -0.02 -0.80 0.96
CA THR A 6 0.52 -0.38 2.28
C THR A 6 0.09 1.03 2.60
N GLY A 7 0.27 1.91 1.65
CA GLY A 7 -0.11 3.33 1.84
C GLY A 7 -1.49 3.41 2.48
N HIS A 8 -2.27 2.37 2.35
CA HIS A 8 -3.63 2.39 2.96
C HIS A 8 -3.51 2.42 4.49
N PHE A 9 -2.71 1.56 5.03
CA PHE A 9 -2.51 1.52 6.50
C PHE A 9 -1.48 2.55 6.90
N MET A 10 -0.74 3.04 5.95
CA MET A 10 0.28 4.03 6.28
C MET A 10 -0.26 5.39 5.91
N NH2 A 11 -1.55 5.50 5.80
HN1 NH2 A 11 -2.12 4.73 5.97
HN2 NH2 A 11 -1.94 6.33 5.56
N GLY A 1 5.06 -6.63 -5.79
CA GLY A 1 5.43 -5.22 -5.48
C GLY A 1 4.19 -4.46 -4.99
N ASN A 2 4.04 -4.35 -3.69
CA ASN A 2 2.85 -3.63 -3.15
C ASN A 2 3.25 -2.22 -2.70
N LEU A 3 2.89 -1.23 -3.47
CA LEU A 3 3.23 0.18 -3.10
C LEU A 3 1.95 0.87 -2.64
N TRP A 4 0.85 0.36 -3.07
CA TRP A 4 -0.46 0.95 -2.68
C TRP A 4 -1.14 0.03 -1.70
N ALA A 5 -0.62 -1.16 -1.55
CA ALA A 5 -1.23 -2.10 -0.61
C ALA A 5 -0.74 -1.75 0.80
N THR A 6 0.06 -0.72 0.90
CA THR A 6 0.61 -0.31 2.22
C THR A 6 0.20 1.13 2.54
N GLY A 7 0.24 1.98 1.56
CA GLY A 7 -0.13 3.41 1.80
C GLY A 7 -1.51 3.48 2.47
N HIS A 8 -2.28 2.43 2.39
CA HIS A 8 -3.62 2.45 3.01
C HIS A 8 -3.51 2.48 4.54
N PHE A 9 -2.71 1.62 5.08
CA PHE A 9 -2.53 1.58 6.55
C PHE A 9 -1.52 2.63 6.98
N MET A 10 -0.84 3.19 6.03
CA MET A 10 0.15 4.23 6.38
C MET A 10 -0.45 5.57 6.06
N NH2 A 11 -1.74 5.63 5.98
HN1 NH2 A 11 -2.28 4.84 6.15
HN2 NH2 A 11 -2.17 6.45 5.77
N GLY A 1 1.54 -7.24 -8.46
CA GLY A 1 2.43 -6.13 -8.04
C GLY A 1 1.61 -5.06 -7.33
N ASN A 2 1.31 -5.27 -6.07
CA ASN A 2 0.51 -4.25 -5.31
C ASN A 2 1.41 -3.51 -4.32
N LEU A 3 1.74 -2.28 -4.62
CA LEU A 3 2.60 -1.49 -3.69
C LEU A 3 1.68 -0.60 -2.85
N TRP A 4 0.53 -0.29 -3.37
CA TRP A 4 -0.43 0.57 -2.62
C TRP A 4 -1.12 -0.25 -1.55
N ALA A 5 -0.69 -1.47 -1.36
CA ALA A 5 -1.32 -2.31 -0.33
C ALA A 5 -0.80 -1.88 1.04
N THR A 6 -0.04 -0.81 1.08
CA THR A 6 0.54 -0.33 2.37
C THR A 6 0.08 1.11 2.63
N GLY A 7 0.18 1.95 1.64
CA GLY A 7 -0.22 3.37 1.80
C GLY A 7 -1.61 3.43 2.44
N HIS A 8 -2.36 2.36 2.36
CA HIS A 8 -3.73 2.37 2.96
C HIS A 8 -3.63 2.43 4.49
N PHE A 9 -2.83 1.58 5.06
CA PHE A 9 -2.66 1.57 6.53
C PHE A 9 -1.82 2.76 6.94
N MET A 10 -1.18 3.37 6.00
CA MET A 10 -0.35 4.53 6.34
C MET A 10 -1.13 5.77 5.98
N NH2 A 11 -2.40 5.65 5.87
HN1 NH2 A 11 -2.83 4.78 6.02
HN2 NH2 A 11 -2.94 6.40 5.63
N GLY A 1 3.64 -5.62 -8.26
CA GLY A 1 2.22 -5.55 -8.68
C GLY A 1 1.46 -4.54 -7.82
N ASN A 2 1.11 -4.91 -6.62
CA ASN A 2 0.37 -3.97 -5.73
C ASN A 2 1.32 -3.37 -4.69
N LEU A 3 1.70 -2.14 -4.87
CA LEU A 3 2.59 -1.49 -3.88
C LEU A 3 1.74 -0.63 -2.94
N TRP A 4 0.57 -0.27 -3.40
CA TRP A 4 -0.33 0.56 -2.55
C TRP A 4 -1.01 -0.31 -1.51
N ALA A 5 -0.59 -1.54 -1.40
CA ALA A 5 -1.20 -2.43 -0.40
C ALA A 5 -0.73 -2.00 1.00
N THR A 6 0.06 -0.96 1.07
CA THR A 6 0.58 -0.47 2.37
C THR A 6 0.10 0.97 2.61
N GLY A 7 0.21 1.79 1.61
CA GLY A 7 -0.22 3.20 1.74
C GLY A 7 -1.64 3.25 2.30
N HIS A 8 -2.36 2.17 2.22
CA HIS A 8 -3.75 2.16 2.76
C HIS A 8 -3.73 2.34 4.28
N PHE A 9 -2.90 1.59 4.94
CA PHE A 9 -2.79 1.70 6.41
C PHE A 9 -2.17 3.03 6.78
N MET A 10 -1.64 3.72 5.82
CA MET A 10 -1.03 5.02 6.13
C MET A 10 -2.00 6.09 5.71
N NH2 A 11 -3.24 5.75 5.58
HN1 NH2 A 11 -3.52 4.82 5.76
HN2 NH2 A 11 -3.88 6.39 5.31
N GLY A 1 3.04 -5.78 -8.62
CA GLY A 1 3.03 -4.35 -9.07
C GLY A 1 2.16 -3.53 -8.13
N ASN A 2 1.76 -4.09 -7.03
CA ASN A 2 0.90 -3.33 -6.06
C ASN A 2 1.75 -2.73 -4.95
N LEU A 3 1.98 -1.44 -4.99
CA LEU A 3 2.78 -0.80 -3.93
C LEU A 3 1.80 -0.12 -2.96
N TRP A 4 0.60 0.15 -3.41
CA TRP A 4 -0.39 0.79 -2.53
C TRP A 4 -0.97 -0.22 -1.57
N ALA A 5 -0.44 -1.42 -1.57
CA ALA A 5 -0.95 -2.44 -0.65
C ALA A 5 -0.56 -2.04 0.78
N THR A 6 0.20 -0.98 0.91
CA THR A 6 0.65 -0.50 2.25
C THR A 6 0.13 0.91 2.48
N GLY A 7 0.16 1.72 1.46
CA GLY A 7 -0.32 3.12 1.59
C GLY A 7 -1.72 3.14 2.21
N HIS A 8 -2.40 2.01 2.18
CA HIS A 8 -3.76 1.97 2.78
C HIS A 8 -3.68 2.21 4.29
N PHE A 9 -2.80 1.51 4.94
CA PHE A 9 -2.64 1.68 6.41
C PHE A 9 -1.69 2.82 6.69
N MET A 10 -1.01 3.29 5.68
CA MET A 10 -0.08 4.39 5.91
C MET A 10 -0.75 5.65 5.40
N NH2 A 11 -2.03 5.64 5.28
HN1 NH2 A 11 -2.54 4.84 5.54
HN2 NH2 A 11 -2.49 6.41 4.96
N GLY A 1 3.24 -5.05 -9.29
CA GLY A 1 3.66 -5.13 -7.86
C GLY A 1 2.77 -4.22 -7.02
N ASN A 2 1.90 -4.79 -6.23
CA ASN A 2 1.01 -3.94 -5.38
C ASN A 2 1.84 -3.14 -4.38
N LEU A 3 2.00 -1.88 -4.62
CA LEU A 3 2.77 -1.03 -3.67
C LEU A 3 1.77 -0.23 -2.82
N TRP A 4 0.59 -0.05 -3.32
CA TRP A 4 -0.43 0.70 -2.54
C TRP A 4 -1.02 -0.19 -1.47
N ALA A 5 -0.51 -1.38 -1.34
CA ALA A 5 -1.03 -2.28 -0.32
C ALA A 5 -0.54 -1.81 1.05
N THR A 6 0.22 -0.74 1.07
CA THR A 6 0.76 -0.20 2.36
C THR A 6 0.29 1.25 2.56
N GLY A 7 0.35 2.03 1.52
CA GLY A 7 -0.08 3.45 1.63
C GLY A 7 -1.46 3.53 2.27
N HIS A 8 -2.19 2.44 2.26
CA HIS A 8 -3.55 2.46 2.87
C HIS A 8 -3.45 2.45 4.40
N PHE A 9 -2.68 1.56 4.93
CA PHE A 9 -2.51 1.48 6.41
C PHE A 9 -1.42 2.44 6.85
N MET A 10 -0.72 3.00 5.91
CA MET A 10 0.36 3.94 6.28
C MET A 10 -0.16 5.33 6.05
N NH2 A 11 -1.44 5.49 5.99
HN1 NH2 A 11 -2.04 4.72 6.12
HN2 NH2 A 11 -1.80 6.35 5.84
N GLY A 1 1.88 -6.58 -8.84
CA GLY A 1 2.75 -6.10 -7.72
C GLY A 1 2.02 -5.03 -6.92
N ASN A 2 1.07 -5.42 -6.12
CA ASN A 2 0.32 -4.42 -5.31
C ASN A 2 1.23 -3.78 -4.27
N LEU A 3 1.63 -2.56 -4.50
CA LEU A 3 2.52 -1.87 -3.52
C LEU A 3 1.67 -0.87 -2.73
N TRP A 4 0.52 -0.55 -3.26
CA TRP A 4 -0.38 0.41 -2.56
C TRP A 4 -1.14 -0.32 -1.46
N ALA A 5 -0.77 -1.54 -1.19
CA ALA A 5 -1.46 -2.28 -0.13
C ALA A 5 -0.94 -1.80 1.23
N THR A 6 -0.16 -0.75 1.22
CA THR A 6 0.42 -0.20 2.47
C THR A 6 -0.03 1.24 2.67
N GLY A 7 0.12 2.01 1.64
CA GLY A 7 -0.29 3.45 1.71
C GLY A 7 -1.63 3.56 2.42
N HIS A 8 -2.40 2.51 2.40
CA HIS A 8 -3.73 2.54 3.08
C HIS A 8 -3.53 2.56 4.60
N PHE A 9 -2.72 1.67 5.09
CA PHE A 9 -2.44 1.61 6.53
C PHE A 9 -1.55 2.76 6.95
N MET A 10 -1.08 3.51 6.00
CA MET A 10 -0.21 4.65 6.33
C MET A 10 -1.04 5.90 6.22
N NH2 A 11 -2.32 5.78 6.27
HN1 NH2 A 11 -2.72 4.89 6.38
HN2 NH2 A 11 -2.87 6.55 6.19
N GLY A 1 4.12 -2.68 -9.63
CA GLY A 1 2.90 -3.49 -9.39
C GLY A 1 2.04 -2.83 -8.30
N ASN A 2 1.59 -3.59 -7.34
CA ASN A 2 0.75 -3.02 -6.26
C ASN A 2 1.63 -2.44 -5.15
N LEU A 3 1.79 -1.14 -5.12
CA LEU A 3 2.61 -0.52 -4.05
C LEU A 3 1.67 0.08 -3.01
N TRP A 4 0.43 0.31 -3.40
CA TRP A 4 -0.55 0.87 -2.43
C TRP A 4 -0.99 -0.19 -1.45
N ALA A 5 -0.41 -1.35 -1.53
CA ALA A 5 -0.80 -2.41 -0.60
C ALA A 5 -0.39 -2.00 0.81
N THR A 6 0.36 -0.92 0.91
CA THR A 6 0.83 -0.41 2.23
C THR A 6 0.30 1.00 2.47
N GLY A 7 0.33 1.81 1.45
CA GLY A 7 -0.16 3.21 1.58
C GLY A 7 -1.56 3.20 2.19
N HIS A 8 -2.23 2.09 2.15
CA HIS A 8 -3.60 2.04 2.74
C HIS A 8 -3.53 2.23 4.26
N PHE A 9 -2.68 1.48 4.90
CA PHE A 9 -2.54 1.60 6.36
C PHE A 9 -1.44 2.58 6.70
N MET A 10 -0.67 2.96 5.74
CA MET A 10 0.41 3.92 6.00
C MET A 10 -0.05 5.27 5.51
N NH2 A 11 -1.32 5.44 5.36
HN1 NH2 A 11 -1.94 4.72 5.58
HN2 NH2 A 11 -1.65 6.28 5.05
#